data_7B82
#
_entry.id   7B82
#
_cell.length_a   37.399
_cell.length_b   34.769
_cell.length_c   37.575
_cell.angle_alpha   90.000
_cell.angle_beta   92.280
_cell.angle_gamma   90.000
#
_symmetry.space_group_name_H-M   'P 1 21 1'
#
loop_
_entity.id
_entity.type
_entity.pdbx_description
1 polymer 'Bromodomain adjacent to zinc finger domain protein 2A'
2 non-polymer "(2~{S})-1-[4-[[(~{E})-~{N},~{N}'-dimethylcarbamimidoyl]amino]phenyl]-~{N}-[[2-(3-methyl-1,2,3-triazol-4-yl)-1~{H}-benzimidazol-5-yl]methyl]pyrrolidine-2-carboxamide"
3 water water
#
_entity_poly.entity_id   1
_entity_poly.type   'polypeptide(L)'
_entity_poly.pdbx_seq_one_letter_code
;SMHSDLTFCEIILMEMESHDAAWPFLEPVNPRLVSGYRRIIKNPMDFSTMRHRLSRGGYTSSEEFAADALLVFDNCQTFN
EDDSEVGKAGHIMRRFFESRWEEFY
;
_entity_poly.pdbx_strand_id   A
#
loop_
_chem_comp.id
_chem_comp.type
_chem_comp.name
_chem_comp.formula
T3H non-polymer (2~{S})-1-[4-[[(~{E})-~{N},~{N}'-dimethylcarbamimidoyl]amino]phenyl]-~{N}-[[2-(3-methyl-1,2,3-triazol-4-yl)-1~{H}-benzimidazol-5-yl]methyl]pyrrolidine-2-carboxamide 'C25 H30 N10 O'
#
# COMPACT_ATOMS: atom_id res chain seq x y z
N SER A 1 19.09 2.80 8.51
CA SER A 1 17.78 3.43 8.45
C SER A 1 17.58 4.14 7.10
N MET A 2 16.42 4.76 6.92
CA MET A 2 16.07 5.34 5.63
C MET A 2 17.05 6.44 5.24
N HIS A 3 17.54 6.37 4.00
CA HIS A 3 18.34 7.45 3.46
C HIS A 3 17.47 8.67 3.18
N SER A 4 18.01 9.86 3.41
CA SER A 4 17.22 11.07 3.21
C SER A 4 16.72 11.22 1.78
N ASP A 5 17.40 10.63 0.79
CA ASP A 5 16.92 10.72 -0.57
C ASP A 5 15.53 10.10 -0.76
N LEU A 6 15.08 9.24 0.16
CA LEU A 6 13.76 8.64 0.05
C LEU A 6 12.71 9.37 0.88
N THR A 7 13.02 10.55 1.39
CA THR A 7 12.03 11.28 2.17
C THR A 7 10.75 11.49 1.37
N PHE A 8 10.84 11.70 0.07
CA PHE A 8 9.64 11.90 -0.72
C PHE A 8 8.73 10.67 -0.67
N CYS A 9 9.30 9.46 -0.57
CA CYS A 9 8.49 8.26 -0.41
C CYS A 9 7.83 8.21 0.97
N GLU A 10 8.58 8.61 2.00
CA GLU A 10 8.02 8.68 3.34
C GLU A 10 6.80 9.59 3.37
N ILE A 11 6.86 10.71 2.66
CA ILE A 11 5.76 11.65 2.61
C ILE A 11 4.59 11.08 1.84
N ILE A 12 4.83 10.49 0.66
CA ILE A 12 3.74 9.88 -0.09
C ILE A 12 3.01 8.84 0.77
N LEU A 13 3.77 8.00 1.46
CA LEU A 13 3.14 6.98 2.29
C LEU A 13 2.33 7.60 3.42
N MET A 14 2.87 8.61 4.09
CA MET A 14 2.10 9.30 5.12
C MET A 14 0.79 9.85 4.57
N GLU A 15 0.84 10.47 3.38
CA GLU A 15 -0.37 11.02 2.79
C GLU A 15 -1.35 9.92 2.39
N MET A 16 -0.84 8.79 1.89
CA MET A 16 -1.73 7.66 1.61
C MET A 16 -2.42 7.21 2.88
N GLU A 17 -1.67 7.06 3.97
CA GLU A 17 -2.27 6.56 5.22
C GLU A 17 -3.37 7.48 5.72
N SER A 18 -3.29 8.77 5.43
CA SER A 18 -4.28 9.74 5.90
C SER A 18 -5.51 9.83 5.00
N HIS A 19 -5.49 9.19 3.85
CA HIS A 19 -6.56 9.32 2.87
C HIS A 19 -7.79 8.57 3.36
N ASP A 20 -8.96 9.10 2.98
CA ASP A 20 -10.23 8.52 3.40
C ASP A 20 -10.39 7.07 2.93
N ALA A 21 -9.78 6.70 1.81
CA ALA A 21 -9.91 5.36 1.24
C ALA A 21 -8.81 4.42 1.71
N ALA A 22 -7.99 4.83 2.65
CA ALA A 22 -6.86 4.01 3.04
C ALA A 22 -7.20 2.96 4.07
N TRP A 23 -8.38 3.04 4.70
CA TRP A 23 -8.67 2.20 5.86
C TRP A 23 -8.46 0.71 5.62
N PRO A 24 -8.74 0.14 4.44
CA PRO A 24 -8.56 -1.31 4.31
C PRO A 24 -7.11 -1.72 4.28
N PHE A 25 -6.18 -0.78 4.09
CA PHE A 25 -4.80 -1.06 3.76
C PHE A 25 -3.83 -0.61 4.84
N LEU A 26 -4.32 -0.09 5.96
CA LEU A 26 -3.44 0.48 6.98
C LEU A 26 -2.60 -0.58 7.66
N GLU A 27 -3.13 -1.76 7.88
CA GLU A 27 -2.47 -2.86 8.58
C GLU A 27 -2.66 -4.13 7.77
N PRO A 28 -1.86 -5.16 8.04
CA PRO A 28 -2.04 -6.43 7.31
C PRO A 28 -3.48 -6.90 7.39
N VAL A 29 -3.96 -7.50 6.31
CA VAL A 29 -5.31 -8.05 6.33
C VAL A 29 -5.43 -9.02 7.49
N ASN A 30 -6.44 -8.82 8.32
CA ASN A 30 -6.53 -9.43 9.63
C ASN A 30 -7.38 -10.69 9.56
N PRO A 31 -6.81 -11.88 9.82
CA PRO A 31 -7.64 -13.10 9.81
C PRO A 31 -8.78 -13.08 10.80
N ARG A 32 -8.71 -12.25 11.83
CA ARG A 32 -9.84 -12.17 12.74
C ARG A 32 -11.06 -11.56 12.07
N LEU A 33 -10.86 -10.81 10.99
CA LEU A 33 -11.91 -10.04 10.34
C LEU A 33 -12.19 -10.48 8.91
N VAL A 34 -11.22 -11.09 8.23
CA VAL A 34 -11.36 -11.46 6.83
C VAL A 34 -10.86 -12.88 6.69
N SER A 35 -11.69 -13.78 6.17
CA SER A 35 -11.33 -15.18 6.05
CA SER A 35 -11.34 -15.18 6.05
C SER A 35 -10.86 -15.50 4.64
N GLY A 36 -9.98 -16.49 4.55
CA GLY A 36 -9.51 -16.97 3.26
C GLY A 36 -8.61 -16.05 2.49
N TYR A 37 -7.95 -15.11 3.15
CA TYR A 37 -7.16 -14.12 2.42
C TYR A 37 -5.83 -14.69 1.90
N ARG A 38 -4.99 -15.19 2.82
CA ARG A 38 -3.69 -15.74 2.43
C ARG A 38 -3.82 -17.04 1.64
N ARG A 39 -5.00 -17.68 1.69
CA ARG A 39 -5.27 -18.79 0.76
C ARG A 39 -5.07 -18.36 -0.69
N ILE A 40 -5.43 -17.11 -1.02
CA ILE A 40 -5.42 -16.58 -2.38
C ILE A 40 -4.22 -15.68 -2.61
N ILE A 41 -3.87 -14.86 -1.62
CA ILE A 41 -2.89 -13.79 -1.78
C ILE A 41 -1.55 -14.28 -1.23
N LYS A 42 -0.60 -14.48 -2.14
CA LYS A 42 0.70 -15.08 -1.83
C LYS A 42 1.64 -14.12 -1.11
N ASN A 43 1.55 -12.83 -1.42
CA ASN A 43 2.46 -11.84 -0.85
C ASN A 43 1.66 -10.65 -0.35
N PRO A 44 1.06 -10.77 0.82
CA PRO A 44 0.34 -9.65 1.41
C PRO A 44 1.23 -8.42 1.60
N MET A 45 0.62 -7.25 1.52
CA MET A 45 1.33 -6.00 1.75
C MET A 45 0.34 -4.98 2.26
N ASP A 46 0.82 -4.06 3.10
CA ASP A 46 -0.02 -3.04 3.70
C ASP A 46 0.85 -1.83 4.05
N PHE A 47 0.20 -0.71 4.36
CA PHE A 47 0.93 0.53 4.59
C PHE A 47 1.80 0.50 5.85
N SER A 48 1.36 -0.17 6.92
CA SER A 48 2.19 -0.24 8.12
CA SER A 48 2.19 -0.23 8.12
C SER A 48 3.46 -1.03 7.86
N THR A 49 3.34 -2.14 7.14
CA THR A 49 4.52 -2.92 6.79
C THR A 49 5.48 -2.09 5.95
N MET A 50 4.94 -1.34 4.99
CA MET A 50 5.79 -0.47 4.19
C MET A 50 6.43 0.61 5.03
N ARG A 51 5.68 1.19 5.95
CA ARG A 51 6.22 2.27 6.78
C ARG A 51 7.42 1.80 7.58
N HIS A 52 7.32 0.60 8.17
CA HIS A 52 8.43 0.09 8.96
CA HIS A 52 8.43 0.07 8.96
C HIS A 52 9.60 -0.30 8.07
N ARG A 53 9.32 -0.93 6.93
CA ARG A 53 10.39 -1.30 6.02
C ARG A 53 11.14 -0.06 5.55
N LEU A 54 10.41 0.98 5.15
CA LEU A 54 11.05 2.20 4.69
C LEU A 54 11.89 2.82 5.79
N SER A 55 11.32 2.96 6.98
CA SER A 55 11.97 3.72 8.03
C SER A 55 13.24 3.05 8.54
N ARG A 56 13.34 1.74 8.41
CA ARG A 56 14.50 1.01 8.96
C ARG A 56 15.53 0.69 7.86
N GLY A 57 15.35 1.19 6.65
CA GLY A 57 16.32 0.99 5.59
C GLY A 57 16.04 -0.17 4.66
N GLY A 58 14.89 -0.83 4.80
CA GLY A 58 14.60 -1.97 3.97
C GLY A 58 14.20 -1.69 2.55
N TYR A 59 14.09 -0.43 2.15
CA TYR A 59 13.97 -0.04 0.74
C TYR A 59 15.24 0.70 0.39
N THR A 60 16.02 0.13 -0.51
CA THR A 60 17.21 0.81 -0.99
C THR A 60 16.85 1.89 -2.01
N SER A 61 15.79 1.67 -2.77
CA SER A 61 15.45 2.56 -3.86
C SER A 61 13.95 2.86 -3.87
N SER A 62 13.62 3.97 -4.52
CA SER A 62 12.21 4.32 -4.70
C SER A 62 11.49 3.27 -5.53
N GLU A 63 12.18 2.60 -6.46
CA GLU A 63 11.54 1.56 -7.26
C GLU A 63 11.03 0.42 -6.37
N GLU A 64 11.83 0.02 -5.37
CA GLU A 64 11.41 -1.05 -4.48
C GLU A 64 10.21 -0.62 -3.63
N PHE A 65 10.24 0.61 -3.14
CA PHE A 65 9.09 1.18 -2.42
C PHE A 65 7.84 1.14 -3.29
N ALA A 66 7.95 1.61 -4.54
CA ALA A 66 6.81 1.66 -5.44
C ALA A 66 6.28 0.28 -5.75
N ALA A 67 7.16 -0.71 -5.84
CA ALA A 67 6.71 -2.06 -6.11
C ALA A 67 5.84 -2.58 -4.98
N ASP A 68 6.18 -2.25 -3.72
CA ASP A 68 5.31 -2.66 -2.61
C ASP A 68 3.99 -1.88 -2.61
N ALA A 69 4.01 -0.60 -2.95
CA ALA A 69 2.76 0.15 -3.06
C ALA A 69 1.83 -0.49 -4.09
N LEU A 70 2.38 -0.85 -5.24
CA LEU A 70 1.56 -1.44 -6.29
C LEU A 70 1.05 -2.81 -5.89
N LEU A 71 1.86 -3.54 -5.09
CA LEU A 71 1.43 -4.83 -4.56
C LEU A 71 0.19 -4.69 -3.68
N VAL A 72 0.10 -3.64 -2.86
CA VAL A 72 -1.12 -3.39 -2.10
C VAL A 72 -2.32 -3.35 -3.04
N PHE A 73 -2.21 -2.60 -4.13
CA PHE A 73 -3.35 -2.41 -5.02
C PHE A 73 -3.61 -3.65 -5.86
N ASP A 74 -2.56 -4.36 -6.28
CA ASP A 74 -2.74 -5.58 -7.05
C ASP A 74 -3.41 -6.68 -6.21
N ASN A 75 -2.97 -6.82 -4.96
CA ASN A 75 -3.63 -7.77 -4.08
C ASN A 75 -5.10 -7.43 -3.90
N CYS A 76 -5.40 -6.15 -3.69
CA CYS A 76 -6.79 -5.73 -3.52
C CYS A 76 -7.64 -6.12 -4.72
N GLN A 77 -7.12 -5.92 -5.94
CA GLN A 77 -7.84 -6.29 -7.15
C GLN A 77 -8.02 -7.80 -7.26
N THR A 78 -7.05 -8.55 -6.76
CA THR A 78 -7.15 -10.01 -6.83
C THR A 78 -8.23 -10.51 -5.91
N PHE A 79 -8.29 -9.98 -4.70
CA PHE A 79 -9.17 -10.54 -3.69
C PHE A 79 -10.59 -10.00 -3.73
N ASN A 80 -10.79 -8.76 -4.16
CA ASN A 80 -12.04 -8.06 -3.95
C ASN A 80 -12.72 -7.76 -5.28
N GLU A 81 -14.05 -7.82 -5.27
CA GLU A 81 -14.83 -7.38 -6.42
C GLU A 81 -14.69 -5.88 -6.63
N ASP A 82 -14.73 -5.45 -7.89
CA ASP A 82 -14.51 -4.04 -8.17
C ASP A 82 -15.58 -3.15 -7.54
N ASP A 83 -16.80 -3.65 -7.38
CA ASP A 83 -17.88 -2.85 -6.82
C ASP A 83 -18.01 -3.01 -5.30
N SER A 84 -17.14 -3.78 -4.66
CA SER A 84 -17.14 -3.85 -3.20
C SER A 84 -16.52 -2.57 -2.62
N GLU A 85 -16.81 -2.31 -1.34
CA GLU A 85 -16.25 -1.13 -0.71
CA GLU A 85 -16.25 -1.14 -0.67
C GLU A 85 -14.72 -1.16 -0.72
N VAL A 86 -14.13 -2.31 -0.43
CA VAL A 86 -12.68 -2.41 -0.41
C VAL A 86 -12.13 -2.35 -1.83
N GLY A 87 -12.80 -2.99 -2.80
CA GLY A 87 -12.37 -2.90 -4.17
C GLY A 87 -12.32 -1.47 -4.67
N LYS A 88 -13.37 -0.70 -4.38
CA LYS A 88 -13.39 0.70 -4.76
C LYS A 88 -12.27 1.48 -4.08
N ALA A 89 -12.00 1.19 -2.80
CA ALA A 89 -10.94 1.89 -2.08
C ALA A 89 -9.59 1.64 -2.73
N GLY A 90 -9.34 0.41 -3.17
CA GLY A 90 -8.09 0.14 -3.86
C GLY A 90 -7.91 0.97 -5.12
N HIS A 91 -8.98 1.11 -5.91
CA HIS A 91 -8.87 1.91 -7.13
C HIS A 91 -8.62 3.38 -6.80
N ILE A 92 -9.27 3.91 -5.76
CA ILE A 92 -9.02 5.28 -5.33
C ILE A 92 -7.55 5.45 -4.93
N MET A 93 -7.03 4.52 -4.15
CA MET A 93 -5.67 4.66 -3.64
C MET A 93 -4.63 4.48 -4.74
N ARG A 94 -4.89 3.60 -5.71
CA ARG A 94 -3.97 3.45 -6.82
C ARG A 94 -3.86 4.77 -7.59
N ARG A 95 -4.99 5.41 -7.86
CA ARG A 95 -5.00 6.70 -8.60
C ARG A 95 -4.23 7.74 -7.79
N PHE A 96 -4.46 7.80 -6.48
CA PHE A 96 -3.78 8.77 -5.63
C PHE A 96 -2.27 8.55 -5.66
N PHE A 97 -1.85 7.30 -5.54
CA PHE A 97 -0.43 7.00 -5.56
C PHE A 97 0.19 7.34 -6.90
N GLU A 98 -0.44 6.88 -7.99
CA GLU A 98 0.15 7.07 -9.30
C GLU A 98 0.23 8.56 -9.65
N SER A 99 -0.76 9.35 -9.21
CA SER A 99 -0.69 10.80 -9.39
C SER A 99 0.53 11.40 -8.71
N ARG A 100 0.76 11.02 -7.46
CA ARG A 100 1.90 11.52 -6.67
C ARG A 100 3.21 11.03 -7.30
N TRP A 101 3.27 9.79 -7.77
CA TRP A 101 4.48 9.25 -8.39
C TRP A 101 4.77 9.95 -9.71
N GLU A 102 3.72 10.37 -10.41
CA GLU A 102 3.88 11.09 -11.68
CA GLU A 102 3.87 11.09 -11.67
C GLU A 102 4.49 12.47 -11.47
N GLU A 103 4.18 13.12 -10.35
CA GLU A 103 4.73 14.45 -10.10
C GLU A 103 6.26 14.42 -10.07
N PHE A 104 6.83 13.28 -9.73
CA PHE A 104 8.28 13.16 -9.55
C PHE A 104 8.97 12.53 -10.74
N TYR A 105 8.30 11.64 -11.45
CA TYR A 105 8.84 11.05 -12.66
C TYR A 105 7.94 11.40 -13.84
C12 T3H B . -16.88 -1.92 12.22
C13 T3H B . -17.10 -3.13 12.80
C14 T3H B . -15.70 -3.71 13.08
C15 T3H B . -14.76 -3.02 12.02
O17 T3H B . -15.31 -4.70 10.45
C19 T3H B . -13.13 -4.85 8.97
C23 T3H B . -9.93 -4.34 6.12
C25 T3H B . -9.76 -5.44 4.24
C16 T3H B . -14.51 -3.97 10.82
C20 T3H B . -11.92 -4.56 8.04
C01 T3H B . -15.13 3.55 6.06
C03 T3H B . -13.63 3.35 7.94
C05 T3H B . -11.86 5.12 8.40
C07 T3H B . -13.61 1.40 9.71
C08 T3H B . -14.99 1.38 9.96
C09 T3H B . -15.57 0.26 10.53
C10 T3H B . -14.76 -0.83 10.89
C21 T3H B . -10.87 -3.63 8.27
C22 T3H B . -9.85 -3.52 7.29
C26 T3H B . -9.26 -5.88 3.04
C27 T3H B . -8.08 -5.44 2.45
C31 T3H B . -11.07 -7.58 2.42
C33 T3H B . -10.96 -5.22 5.96
C34 T3H B . -11.98 -5.33 6.92
C35 T3H B . -13.39 -0.81 10.67
C36 T3H B . -12.80 0.33 10.08
N02 T3H B . -14.60 2.85 7.26
N04 T3H B . -12.98 4.62 7.56
N06 T3H B . -13.06 2.65 9.13
N11 T3H B . -15.41 -1.98 11.51
N18 T3H B . -13.24 -3.90 10.12
N24 T3H B . -9.17 -4.51 5.01
N28 T3H B . -7.94 -6.12 1.32
N29 T3H B . -9.00 -6.97 1.18
N30 T3H B . -9.82 -6.81 2.25
N32 T3H B . -10.86 -5.89 4.81
H122 T3H B . -17.54 -1.75 11.57
H121 T3H B . -16.89 -1.25 12.87
H132 T3H B . -17.57 -3.69 12.21
H131 T3H B . -17.58 -3.02 13.60
H142 T3H B . -15.69 -4.64 12.96
H141 T3H B . -15.42 -3.49 13.95
H151 T3H B . -13.95 -2.74 12.42
H191 T3H B . -13.05 -5.72 9.32
H192 T3H B . -13.93 -4.80 8.47
H012 T3H B . -15.90 3.10 5.74
H011 T3H B . -14.48 3.55 5.38
H013 T3H B . -15.35 4.43 6.28
H053 T3H B . -11.65 5.99 8.14
H051 T3H B . -11.11 4.57 8.27
H052 T3H B . -12.12 5.12 9.30
H081 T3H B . -15.51 2.12 9.72
H091 T3H B . -16.48 0.25 10.69
H211 T3H B . -10.86 -3.11 9.04
H221 T3H B . -9.15 -2.92 7.40
H271 T3H B . -7.50 -4.81 2.80
H311 T3H B . -11.19 -8.15 1.69
H313 T3H B . -11.81 -6.98 2.47
H312 T3H B . -11.03 -8.08 3.21
H341 T3H B . -12.68 -5.93 6.80
H351 T3H B . -12.86 -1.53 10.90
H361 T3H B . -11.88 0.35 9.93
H041 T3H B . -13.24 5.07 6.86
H061 T3H B . -12.42 3.05 9.56
H181 T3H B . -12.59 -3.37 10.33
H241 T3H B . -8.43 -4.08 4.82
#